data_6NNI
#
_entry.id   6NNI
#
_cell.length_a   60.505
_cell.length_b   71.372
_cell.length_c   72.373
_cell.angle_alpha   90.00
_cell.angle_beta   90.00
_cell.angle_gamma   90.00
#
_symmetry.space_group_name_H-M   'P 21 21 21'
#
loop_
_entity.id
_entity.type
_entity.pdbx_description
1 polymer 'Dihydrofolate reductase'
2 non-polymer 'COBALT (II) ION'
3 non-polymer 'NADPH DIHYDRO-NICOTINAMIDE-ADENINE-DINUCLEOTIDE PHOSPHATE'
4 non-polymer 5-(4-CHLORO-PHENYL)-6-ETHYL-PYRIMIDINE-2,4-DIAMINE
5 non-polymer '2-(N-MORPHOLINO)-ETHANESULFONIC ACID'
6 non-polymer 'SULFATE ION'
7 water water
#
_entity_poly.entity_id   1
_entity_poly.type   'polypeptide(L)'
_entity_poly.pdbx_seq_one_letter_code
;MVGLIWAQATSGVIGRGGDIPWRLPEDQAHFREITMGHTIVMGRRTWDSLPAKVRPLPGRRNVVLSRQADFMASGAEVVG
SLEEALTSPETWVIGGGQVYALALPYATRCEVTEVDIGLPREAGDALAPVLDETWRGETGEWRFSRSGLRYRLYSYHRS
;
_entity_poly.pdbx_strand_id   A,B
#
loop_
_chem_comp.id
_chem_comp.type
_chem_comp.name
_chem_comp.formula
CO non-polymer 'COBALT (II) ION' 'Co 2'
CP6 non-polymer 5-(4-CHLORO-PHENYL)-6-ETHYL-PYRIMIDINE-2,4-DIAMINE 'C12 H13 Cl N4'
MES non-polymer '2-(N-MORPHOLINO)-ETHANESULFONIC ACID' 'C6 H13 N O4 S'
NDP non-polymer 'NADPH DIHYDRO-NICOTINAMIDE-ADENINE-DINUCLEOTIDE PHOSPHATE' 'C21 H30 N7 O17 P3'
SO4 non-polymer 'SULFATE ION' 'O4 S -2'
#
# COMPACT_ATOMS: atom_id res chain seq x y z
N MET A 1 -1.30 -0.38 -10.43
CA MET A 1 -1.66 0.25 -9.17
C MET A 1 -1.64 1.77 -9.30
N VAL A 2 -2.80 2.41 -9.12
CA VAL A 2 -2.89 3.86 -8.99
C VAL A 2 -3.25 4.19 -7.55
N GLY A 3 -2.41 5.00 -6.91
CA GLY A 3 -2.66 5.48 -5.57
C GLY A 3 -2.83 6.99 -5.61
N LEU A 4 -3.57 7.50 -4.62
CA LEU A 4 -3.67 8.93 -4.38
C LEU A 4 -2.96 9.22 -3.07
N ILE A 5 -2.24 10.33 -3.01
CA ILE A 5 -1.55 10.71 -1.77
C ILE A 5 -1.76 12.21 -1.54
N TRP A 6 -2.22 12.55 -0.34
CA TRP A 6 -2.50 13.96 -0.03
C TRP A 6 -2.41 14.17 1.47
N ALA A 7 -2.24 15.44 1.85
CA ALA A 7 -2.35 15.86 3.22
C ALA A 7 -3.52 16.81 3.34
N GLN A 8 -4.37 16.61 4.34
CA GLN A 8 -5.54 17.46 4.51
C GLN A 8 -5.63 17.97 5.94
N ALA A 9 -6.23 19.14 6.10
CA ALA A 9 -6.76 19.53 7.40
C ALA A 9 -7.92 18.60 7.77
N THR A 10 -8.29 18.60 9.05
CA THR A 10 -9.41 17.77 9.47
CA THR A 10 -9.41 17.80 9.50
C THR A 10 -10.68 18.12 8.71
N SER A 11 -10.81 19.37 8.27
CA SER A 11 -11.98 19.82 7.51
C SER A 11 -12.02 19.27 6.09
N GLY A 12 -10.91 18.76 5.57
CA GLY A 12 -10.84 18.32 4.20
C GLY A 12 -10.10 19.26 3.27
N VAL A 13 -9.74 20.46 3.74
CA VAL A 13 -8.96 21.37 2.90
C VAL A 13 -7.59 20.78 2.61
N ILE A 14 -7.17 20.79 1.34
CA ILE A 14 -5.81 20.44 0.95
C ILE A 14 -5.04 21.62 0.36
N GLY A 15 -5.71 22.66 -0.09
CA GLY A 15 -4.99 23.76 -0.72
C GLY A 15 -5.80 25.03 -0.63
N ARG A 16 -5.08 26.16 -0.60
CA ARG A 16 -5.71 27.47 -0.50
C ARG A 16 -4.80 28.49 -1.16
N GLY A 17 -5.37 29.37 -1.98
CA GLY A 17 -4.59 30.39 -2.66
C GLY A 17 -3.51 29.87 -3.57
N GLY A 18 -3.66 28.64 -4.07
CA GLY A 18 -2.65 28.01 -4.91
C GLY A 18 -1.48 27.41 -4.18
N ASP A 19 -1.53 27.35 -2.85
CA ASP A 19 -0.48 26.75 -2.03
C ASP A 19 -1.15 25.99 -0.89
N ILE A 20 -0.38 25.70 0.15
CA ILE A 20 -0.82 24.88 1.28
C ILE A 20 -0.61 25.64 2.59
N PRO A 21 -1.61 25.74 3.47
CA PRO A 21 -1.45 26.59 4.68
C PRO A 21 -0.81 25.87 5.87
N TRP A 22 0.16 25.00 5.60
CA TRP A 22 0.97 24.33 6.62
C TRP A 22 2.15 23.72 5.90
N ARG A 23 3.11 23.23 6.67
CA ARG A 23 4.19 22.43 6.09
C ARG A 23 4.73 21.53 7.19
N LEU A 24 4.63 20.23 6.99
CA LEU A 24 5.06 19.28 8.02
C LEU A 24 6.24 18.49 7.48
N PRO A 25 7.46 18.69 7.99
CA PRO A 25 8.60 17.97 7.40
C PRO A 25 8.41 16.47 7.41
N GLU A 26 7.72 15.94 8.42
CA GLU A 26 7.48 14.52 8.49
C GLU A 26 6.55 14.06 7.38
N ASP A 27 5.59 14.90 7.01
CA ASP A 27 4.70 14.59 5.90
C ASP A 27 5.46 14.65 4.58
N GLN A 28 6.38 15.62 4.45
CA GLN A 28 7.19 15.68 3.26
C GLN A 28 8.03 14.43 3.12
N ALA A 29 8.62 13.95 4.21
CA ALA A 29 9.42 12.73 4.13
C ALA A 29 8.57 11.53 3.76
N HIS A 30 7.38 11.45 4.36
CA HIS A 30 6.45 10.37 4.05
C HIS A 30 6.07 10.41 2.58
N PHE A 31 5.73 11.60 2.06
CA PHE A 31 5.38 11.73 0.66
C PHE A 31 6.53 11.29 -0.23
N ARG A 32 7.76 11.71 0.11
CA ARG A 32 8.92 11.36 -0.70
C ARG A 32 9.14 9.86 -0.70
N GLU A 33 9.02 9.23 0.47
CA GLU A 33 9.24 7.78 0.58
C GLU A 33 8.23 7.00 -0.26
N ILE A 34 6.96 7.38 -0.19
CA ILE A 34 5.91 6.62 -0.89
C ILE A 34 6.03 6.80 -2.40
N THR A 35 6.41 7.98 -2.87
CA THR A 35 6.39 8.21 -4.31
C THR A 35 7.72 7.91 -4.99
N MET A 36 8.82 7.85 -4.26
CA MET A 36 10.15 7.76 -4.86
C MET A 36 10.25 6.59 -5.83
N GLY A 37 10.82 6.86 -7.00
CA GLY A 37 11.02 5.85 -8.03
C GLY A 37 9.84 5.66 -8.94
N HIS A 38 8.68 6.19 -8.60
CA HIS A 38 7.43 5.88 -9.30
C HIS A 38 6.97 7.04 -10.17
N THR A 39 5.88 6.84 -10.91
CA THR A 39 5.26 7.93 -11.65
C THR A 39 4.49 8.80 -10.66
N ILE A 40 4.63 10.11 -10.78
CA ILE A 40 3.79 11.05 -10.05
C ILE A 40 3.01 11.86 -11.08
N VAL A 41 1.70 11.95 -10.89
CA VAL A 41 0.81 12.68 -11.77
C VAL A 41 0.22 13.84 -11.00
N MET A 42 0.28 15.04 -11.58
CA MET A 42 -0.21 16.24 -10.90
C MET A 42 -0.94 17.12 -11.89
N GLY A 43 -1.89 17.90 -11.37
CA GLY A 43 -2.52 18.90 -12.21
C GLY A 43 -1.58 20.07 -12.49
N ARG A 44 -1.89 20.80 -13.57
CA ARG A 44 -1.02 21.89 -13.96
C ARG A 44 -0.87 22.93 -12.85
N ARG A 45 -1.94 23.19 -12.09
CA ARG A 45 -1.82 24.17 -11.01
C ARG A 45 -0.86 23.69 -9.93
N THR A 46 -0.82 22.38 -9.68
CA THR A 46 0.11 21.85 -8.69
C THR A 46 1.55 21.93 -9.18
N TRP A 47 1.76 21.66 -10.47
CA TRP A 47 3.07 21.89 -11.08
C TRP A 47 3.50 23.35 -10.91
N ASP A 48 2.58 24.28 -11.15
CA ASP A 48 2.88 25.71 -11.02
C ASP A 48 3.28 26.08 -9.60
N SER A 49 2.75 25.36 -8.60
CA SER A 49 3.08 25.66 -7.20
C SER A 49 4.50 25.26 -6.83
N LEU A 50 5.15 24.41 -7.61
CA LEU A 50 6.54 24.02 -7.33
C LEU A 50 7.51 25.08 -7.86
N PRO A 51 8.45 25.56 -7.04
CA PRO A 51 9.47 26.47 -7.57
C PRO A 51 10.25 25.79 -8.68
N ALA A 52 10.65 26.57 -9.69
CA ALA A 52 11.33 25.98 -10.84
C ALA A 52 12.61 25.27 -10.41
N LYS A 53 13.21 25.71 -9.31
CA LYS A 53 14.48 25.14 -8.89
C LYS A 53 14.32 23.79 -8.22
N VAL A 54 13.07 23.38 -7.94
CA VAL A 54 12.80 22.14 -7.23
C VAL A 54 12.16 21.10 -8.14
N ARG A 55 11.75 21.48 -9.33
CA ARG A 55 11.05 20.57 -10.24
C ARG A 55 11.93 20.26 -11.44
N PRO A 56 11.84 19.04 -11.98
CA PRO A 56 10.92 17.99 -11.56
C PRO A 56 11.35 17.37 -10.23
N LEU A 57 10.40 16.77 -9.51
CA LEU A 57 10.75 16.12 -8.26
C LEU A 57 11.67 14.93 -8.57
N PRO A 58 12.79 14.80 -7.85
CA PRO A 58 13.83 13.85 -8.25
C PRO A 58 13.43 12.39 -8.11
N GLY A 59 13.95 11.57 -9.02
CA GLY A 59 13.80 10.12 -8.92
C GLY A 59 12.45 9.60 -9.33
N ARG A 60 11.63 10.41 -9.98
CA ARG A 60 10.27 10.07 -10.31
C ARG A 60 9.94 10.56 -11.72
N ARG A 61 9.11 9.81 -12.42
CA ARG A 61 8.58 10.27 -13.71
C ARG A 61 7.49 11.29 -13.44
N ASN A 62 7.79 12.58 -13.66
CA ASN A 62 6.84 13.65 -13.38
C ASN A 62 5.91 13.81 -14.58
N VAL A 63 4.59 13.73 -14.35
CA VAL A 63 3.59 13.89 -15.40
C VAL A 63 2.62 14.99 -14.96
N VAL A 64 2.32 15.91 -15.88
CA VAL A 64 1.44 17.06 -15.61
C VAL A 64 0.23 16.98 -16.51
N LEU A 65 -0.96 17.10 -15.92
CA LEU A 65 -2.21 17.09 -16.68
C LEU A 65 -2.64 18.52 -16.99
N SER A 66 -2.88 18.80 -18.28
CA SER A 66 -3.28 20.13 -18.74
C SER A 66 -4.15 19.98 -19.97
N ARG A 67 -5.10 20.90 -20.15
CA ARG A 67 -5.85 20.99 -21.39
C ARG A 67 -5.10 21.75 -22.47
N GLN A 68 -4.01 22.43 -22.11
CA GLN A 68 -3.22 23.23 -23.03
C GLN A 68 -2.30 22.33 -23.85
N ALA A 69 -2.55 22.25 -25.16
CA ALA A 69 -1.77 21.36 -26.02
C ALA A 69 -0.30 21.77 -26.08
N ASP A 70 0.01 23.05 -25.89
CA ASP A 70 1.37 23.53 -25.97
C ASP A 70 1.96 23.91 -24.62
N PHE A 71 1.33 23.53 -23.51
CA PHE A 71 1.90 23.87 -22.21
C PHE A 71 3.19 23.08 -22.02
N MET A 72 4.25 23.78 -21.63
CA MET A 72 5.56 23.18 -21.49
C MET A 72 5.91 23.10 -20.01
N ALA A 73 6.23 21.89 -19.56
CA ALA A 73 6.65 21.66 -18.17
C ALA A 73 8.05 21.08 -18.23
N SER A 74 9.06 21.93 -18.08
CA SER A 74 10.43 21.49 -18.30
C SER A 74 10.83 20.42 -17.28
N GLY A 75 11.23 19.25 -17.79
CA GLY A 75 11.55 18.13 -16.94
C GLY A 75 10.41 17.19 -16.68
N ALA A 76 9.24 17.45 -17.24
CA ALA A 76 8.06 16.62 -17.05
C ALA A 76 7.44 16.31 -18.42
N GLU A 77 6.54 15.34 -18.41
CA GLU A 77 5.62 15.09 -19.51
C GLU A 77 4.33 15.85 -19.25
N VAL A 78 3.77 16.45 -20.30
CA VAL A 78 2.45 17.07 -20.21
C VAL A 78 1.50 16.23 -21.03
N VAL A 79 0.41 15.79 -20.40
CA VAL A 79 -0.60 14.99 -21.07
C VAL A 79 -1.95 15.66 -20.96
N GLY A 80 -2.83 15.33 -21.92
CA GLY A 80 -4.12 15.97 -22.00
C GLY A 80 -5.23 15.11 -21.41
N SER A 81 -4.90 13.88 -21.03
CA SER A 81 -5.84 13.01 -20.32
C SER A 81 -5.08 12.19 -19.29
N LEU A 82 -5.77 11.84 -18.22
CA LEU A 82 -5.13 11.07 -17.14
C LEU A 82 -4.75 9.67 -17.61
N GLU A 83 -5.54 9.07 -18.50
CA GLU A 83 -5.27 7.71 -18.96
C GLU A 83 -3.86 7.57 -19.54
N GLU A 84 -3.37 8.59 -20.25
CA GLU A 84 -2.04 8.55 -20.83
C GLU A 84 -0.94 8.35 -19.80
N ALA A 85 -1.17 8.71 -18.55
CA ALA A 85 -0.15 8.70 -17.52
C ALA A 85 -0.02 7.36 -16.79
N LEU A 86 -0.94 6.43 -17.02
CA LEU A 86 -1.09 5.25 -16.16
C LEU A 86 -0.27 4.06 -16.63
N THR A 87 0.71 4.26 -17.50
CA THR A 87 1.41 3.15 -18.13
C THR A 87 2.45 2.48 -17.24
N SER A 88 2.82 3.07 -16.11
CA SER A 88 3.88 2.48 -15.28
C SER A 88 3.29 1.55 -14.23
N PRO A 89 4.09 0.61 -13.71
CA PRO A 89 3.57 -0.34 -12.71
C PRO A 89 3.00 0.30 -11.44
N GLU A 90 3.60 1.39 -10.96
CA GLU A 90 3.10 2.07 -9.78
C GLU A 90 2.97 3.57 -10.09
N THR A 91 1.76 4.11 -9.97
CA THR A 91 1.47 5.50 -10.29
C THR A 91 0.86 6.17 -9.06
N TRP A 92 1.41 7.31 -8.66
CA TRP A 92 0.87 8.10 -7.56
C TRP A 92 0.34 9.43 -8.08
N VAL A 93 -0.93 9.69 -7.84
CA VAL A 93 -1.54 10.97 -8.15
C VAL A 93 -1.34 11.88 -6.95
N ILE A 94 -0.65 13.00 -7.16
CA ILE A 94 -0.15 13.79 -6.04
C ILE A 94 -0.89 15.12 -5.90
N GLY A 95 -1.97 15.31 -6.65
CA GLY A 95 -2.87 16.45 -6.49
C GLY A 95 -2.94 17.28 -7.75
N GLY A 96 -3.75 18.36 -7.69
CA GLY A 96 -4.52 18.75 -6.53
C GLY A 96 -5.98 18.28 -6.57
N GLY A 97 -6.88 19.17 -6.12
CA GLY A 97 -8.25 18.77 -5.92
C GLY A 97 -8.93 18.26 -7.18
N GLN A 98 -8.77 18.99 -8.30
CA GLN A 98 -9.41 18.56 -9.53
C GLN A 98 -8.89 17.20 -9.97
N VAL A 99 -7.57 16.99 -9.87
CA VAL A 99 -7.02 15.74 -10.38
C VAL A 99 -7.36 14.55 -9.48
N TYR A 100 -7.46 14.74 -8.14
CA TYR A 100 -7.93 13.63 -7.31
C TYR A 100 -9.31 13.18 -7.74
N ALA A 101 -10.21 14.13 -8.00
CA ALA A 101 -11.57 13.76 -8.41
C ALA A 101 -11.55 12.96 -9.71
N LEU A 102 -10.68 13.36 -10.66
CA LEU A 102 -10.59 12.67 -11.94
C LEU A 102 -9.98 11.29 -11.79
N ALA A 103 -9.05 11.13 -10.85
CA ALA A 103 -8.30 9.87 -10.72
C ALA A 103 -8.97 8.84 -9.85
N LEU A 104 -9.89 9.26 -8.97
CA LEU A 104 -10.47 8.33 -8.00
C LEU A 104 -10.99 7.03 -8.60
N PRO A 105 -11.71 7.03 -9.74
CA PRO A 105 -12.17 5.75 -10.30
C PRO A 105 -11.05 4.78 -10.64
N TYR A 106 -9.84 5.26 -10.84
CA TYR A 106 -8.72 4.37 -11.17
C TYR A 106 -7.96 3.94 -9.94
N ALA A 107 -8.29 4.45 -8.76
CA ALA A 107 -7.44 4.33 -7.59
C ALA A 107 -7.84 3.15 -6.72
N THR A 108 -6.82 2.49 -6.17
CA THR A 108 -7.04 1.43 -5.18
C THR A 108 -6.36 1.70 -3.85
N ARG A 109 -5.58 2.79 -3.74
CA ARG A 109 -4.93 3.16 -2.49
C ARG A 109 -5.06 4.66 -2.31
N CYS A 110 -5.31 5.09 -1.08
CA CYS A 110 -5.18 6.50 -0.70
C CYS A 110 -4.31 6.55 0.54
N GLU A 111 -3.24 7.32 0.47
CA GLU A 111 -2.34 7.53 1.60
C GLU A 111 -2.58 8.96 2.06
N VAL A 112 -3.22 9.10 3.22
CA VAL A 112 -3.74 10.38 3.67
C VAL A 112 -2.98 10.79 4.92
N THR A 113 -2.48 12.01 4.94
CA THR A 113 -2.00 12.62 6.17
C THR A 113 -3.07 13.56 6.65
N GLU A 114 -3.55 13.35 7.87
CA GLU A 114 -4.51 14.26 8.46
C GLU A 114 -3.75 15.18 9.41
N VAL A 115 -3.88 16.48 9.19
CA VAL A 115 -3.19 17.51 9.96
C VAL A 115 -4.21 18.09 10.93
N ASP A 116 -3.89 18.07 12.23
CA ASP A 116 -4.80 18.55 13.26
C ASP A 116 -4.70 20.08 13.31
N ILE A 117 -5.25 20.69 12.27
CA ILE A 117 -5.36 22.13 12.14
C ILE A 117 -6.83 22.44 11.91
N GLY A 118 -7.35 23.39 12.68
CA GLY A 118 -8.74 23.81 12.61
C GLY A 118 -8.91 24.85 11.53
N LEU A 119 -9.17 24.39 10.32
CA LEU A 119 -9.21 25.24 9.13
C LEU A 119 -10.56 25.11 8.43
N PRO A 120 -11.52 25.99 8.69
CA PRO A 120 -12.82 25.87 8.01
C PRO A 120 -12.64 26.01 6.51
N ARG A 121 -13.48 25.28 5.77
CA ARG A 121 -13.47 25.30 4.32
C ARG A 121 -13.96 26.64 3.79
N GLU A 122 -13.23 27.18 2.82
CA GLU A 122 -13.58 28.47 2.21
C GLU A 122 -13.75 28.29 0.71
N ALA A 123 -14.60 29.14 0.10
CA ALA A 123 -14.73 29.14 -1.35
C ALA A 123 -13.36 29.29 -1.99
N GLY A 124 -13.12 28.50 -3.04
CA GLY A 124 -11.86 28.48 -3.73
C GLY A 124 -10.85 27.47 -3.22
N ASP A 125 -11.08 26.90 -2.03
CA ASP A 125 -10.18 25.88 -1.50
C ASP A 125 -10.19 24.63 -2.39
N ALA A 126 -9.05 23.97 -2.48
CA ALA A 126 -9.01 22.60 -2.97
C ALA A 126 -9.30 21.65 -1.83
N LEU A 127 -10.08 20.60 -2.11
CA LEU A 127 -10.51 19.66 -1.09
C LEU A 127 -10.05 18.25 -1.44
N ALA A 128 -9.92 17.44 -0.39
CA ALA A 128 -9.72 16.02 -0.56
C ALA A 128 -10.94 15.39 -1.19
N PRO A 129 -10.76 14.34 -1.97
CA PRO A 129 -11.90 13.63 -2.54
C PRO A 129 -12.69 12.88 -1.46
N VAL A 130 -13.98 12.65 -1.73
CA VAL A 130 -14.80 11.88 -0.81
C VAL A 130 -14.67 10.39 -1.14
N LEU A 131 -14.34 9.59 -0.13
CA LEU A 131 -14.16 8.15 -0.31
C LEU A 131 -15.45 7.44 0.09
N ASP A 132 -16.03 6.68 -0.85
CA ASP A 132 -17.30 6.02 -0.57
C ASP A 132 -17.08 4.71 0.20
N GLU A 133 -18.13 3.90 0.26
CA GLU A 133 -18.15 2.70 1.09
C GLU A 133 -17.21 1.60 0.59
N THR A 134 -16.77 1.66 -0.67
CA THR A 134 -15.87 0.62 -1.17
C THR A 134 -14.48 0.67 -0.56
N TRP A 135 -14.13 1.74 0.15
CA TRP A 135 -12.80 1.92 0.71
C TRP A 135 -12.68 1.40 2.14
N ARG A 136 -11.63 0.62 2.39
CA ARG A 136 -11.27 0.14 3.73
C ARG A 136 -10.15 1.02 4.25
N GLY A 137 -10.28 1.51 5.48
CA GLY A 137 -9.33 2.46 6.05
C GLY A 137 -8.60 1.88 7.24
N GLU A 138 -7.32 2.23 7.36
CA GLU A 138 -6.46 1.82 8.47
CA GLU A 138 -6.48 1.82 8.48
C GLU A 138 -5.76 3.06 9.01
N THR A 139 -5.94 3.33 10.30
CA THR A 139 -5.50 4.57 10.93
C THR A 139 -4.30 4.33 11.85
N GLY A 140 -3.32 5.22 11.76
CA GLY A 140 -2.22 5.25 12.71
C GLY A 140 -2.54 6.13 13.92
N GLU A 141 -1.62 6.13 14.89
CA GLU A 141 -1.74 6.96 16.07
C GLU A 141 -1.45 8.42 15.75
N TRP A 142 -2.04 9.33 16.52
CA TRP A 142 -1.66 10.74 16.41
C TRP A 142 -0.20 10.92 16.77
N ARG A 143 0.50 11.74 15.98
CA ARG A 143 1.91 12.05 16.21
C ARG A 143 2.07 13.56 16.28
N PHE A 144 3.16 13.99 16.91
CA PHE A 144 3.53 15.40 16.93
C PHE A 144 4.56 15.68 15.85
N SER A 145 4.27 16.66 15.01
CA SER A 145 5.26 17.15 14.06
C SER A 145 6.13 18.18 14.77
N ARG A 146 7.38 18.29 14.34
CA ARG A 146 8.20 19.37 14.87
C ARG A 146 7.64 20.74 14.54
N SER A 147 6.73 20.83 13.55
CA SER A 147 6.12 22.13 13.24
C SER A 147 5.06 22.52 14.27
N GLY A 148 4.73 21.64 15.23
CA GLY A 148 3.84 21.97 16.31
C GLY A 148 2.43 21.42 16.15
N LEU A 149 2.08 21.00 14.95
CA LEU A 149 0.78 20.43 14.67
C LEU A 149 0.84 18.92 14.84
N ARG A 150 -0.23 18.34 15.36
CA ARG A 150 -0.34 16.88 15.35
C ARG A 150 -0.77 16.39 13.97
N TYR A 151 -0.41 15.16 13.67
CA TYR A 151 -0.83 14.56 12.40
C TYR A 151 -0.97 13.06 12.60
N ARG A 152 -1.68 12.43 11.68
CA ARG A 152 -1.73 10.98 11.67
C ARG A 152 -1.89 10.51 10.24
N LEU A 153 -1.49 9.26 10.01
CA LEU A 153 -1.51 8.69 8.67
C LEU A 153 -2.63 7.68 8.56
N TYR A 154 -3.42 7.80 7.50
CA TYR A 154 -4.43 6.81 7.12
C TYR A 154 -3.97 6.11 5.85
N SER A 155 -4.24 4.81 5.77
CA SER A 155 -4.02 4.05 4.54
C SER A 155 -5.36 3.44 4.13
N TYR A 156 -5.95 3.94 3.05
CA TYR A 156 -7.19 3.40 2.52
C TYR A 156 -6.87 2.47 1.35
N HIS A 157 -7.55 1.33 1.29
CA HIS A 157 -7.36 0.44 0.16
CA HIS A 157 -7.35 0.34 0.25
C HIS A 157 -8.70 -0.14 -0.26
N ARG A 158 -8.74 -0.53 -1.52
CA ARG A 158 -9.88 -1.26 -2.06
C ARG A 158 -9.38 -2.11 -3.21
N SER A 159 -10.11 -3.18 -3.48
CA SER A 159 -9.77 -4.03 -4.61
C SER A 159 -10.26 -3.36 -5.89
N MET B 1 5.73 -4.64 -9.06
CA MET B 1 5.59 -4.55 -7.61
C MET B 1 5.37 -5.95 -7.03
N VAL B 2 6.33 -6.42 -6.24
CA VAL B 2 6.18 -7.64 -5.47
C VAL B 2 6.00 -7.22 -4.00
N GLY B 3 4.89 -7.65 -3.40
CA GLY B 3 4.65 -7.43 -1.99
C GLY B 3 4.55 -8.75 -1.27
N LEU B 4 4.82 -8.75 0.02
CA LEU B 4 4.58 -9.89 0.90
C LEU B 4 3.46 -9.54 1.86
N ILE B 5 2.60 -10.50 2.16
CA ILE B 5 1.52 -10.25 3.12
C ILE B 5 1.45 -11.44 4.05
N TRP B 6 1.43 -11.17 5.37
CA TRP B 6 1.36 -12.23 6.36
C TRP B 6 0.72 -11.70 7.64
N ALA B 7 0.23 -12.64 8.44
CA ALA B 7 -0.21 -12.37 9.81
C ALA B 7 0.67 -13.15 10.76
N GLN B 8 1.24 -12.47 11.75
CA GLN B 8 2.12 -13.13 12.70
C GLN B 8 1.69 -12.84 14.13
N ALA B 9 1.98 -13.79 15.02
CA ALA B 9 2.03 -13.48 16.43
C ALA B 9 3.17 -12.51 16.68
N THR B 10 3.13 -11.80 17.80
CA THR B 10 4.21 -10.88 18.11
CA THR B 10 4.21 -10.88 18.10
C THR B 10 5.56 -11.60 18.11
N SER B 11 5.58 -12.88 18.47
CA SER B 11 6.81 -13.67 18.50
C SER B 11 7.36 -13.95 17.11
N GLY B 12 6.56 -13.76 16.06
CA GLY B 12 6.97 -14.10 14.71
C GLY B 12 6.38 -15.37 14.14
N VAL B 13 5.73 -16.19 14.97
CA VAL B 13 5.12 -17.41 14.45
C VAL B 13 4.01 -17.04 13.47
N ILE B 14 4.03 -17.68 12.29
CA ILE B 14 2.93 -17.57 11.33
C ILE B 14 2.22 -18.90 11.11
N GLY B 15 2.84 -20.04 11.44
CA GLY B 15 2.21 -21.30 11.14
C GLY B 15 2.74 -22.41 12.02
N ARG B 16 1.89 -23.40 12.27
CA ARG B 16 2.24 -24.56 13.08
C ARG B 16 1.33 -25.71 12.71
N GLY B 17 1.92 -26.90 12.54
CA GLY B 17 1.13 -28.07 12.26
C GLY B 17 0.35 -28.00 10.96
N GLY B 18 0.83 -27.22 9.99
CA GLY B 18 0.10 -27.08 8.75
C GLY B 18 -1.08 -26.14 8.84
N ASP B 19 -1.19 -25.37 9.92
CA ASP B 19 -2.34 -24.52 10.14
C ASP B 19 -1.84 -23.18 10.68
N ILE B 20 -2.80 -22.33 11.01
CA ILE B 20 -2.52 -21.04 11.62
C ILE B 20 -3.21 -21.12 12.97
N PRO B 21 -2.48 -20.92 14.09
CA PRO B 21 -3.04 -21.25 15.42
C PRO B 21 -3.87 -20.14 16.06
N TRP B 22 -4.73 -19.49 15.28
CA TRP B 22 -5.66 -18.47 15.76
C TRP B 22 -6.70 -18.25 14.66
N ARG B 23 -7.68 -17.41 14.95
CA ARG B 23 -8.68 -17.03 13.97
C ARG B 23 -8.95 -15.55 14.17
N LEU B 24 -8.75 -14.76 13.11
CA LEU B 24 -8.93 -13.31 13.17
C LEU B 24 -9.67 -12.89 11.92
N PRO B 25 -11.00 -12.78 11.99
CA PRO B 25 -11.76 -12.55 10.74
C PRO B 25 -11.44 -11.24 10.03
N GLU B 26 -11.12 -10.18 10.78
CA GLU B 26 -10.76 -8.92 10.14
C GLU B 26 -9.47 -9.04 9.34
N ASP B 27 -8.56 -9.91 9.76
CA ASP B 27 -7.34 -10.12 8.99
C ASP B 27 -7.65 -10.87 7.70
N GLN B 28 -8.59 -11.79 7.74
CA GLN B 28 -8.96 -12.47 6.50
C GLN B 28 -9.53 -11.48 5.49
N ALA B 29 -10.38 -10.55 5.95
CA ALA B 29 -10.94 -9.54 5.07
C ALA B 29 -9.86 -8.62 4.52
N HIS B 30 -8.90 -8.25 5.38
CA HIS B 30 -7.77 -7.43 4.96
C HIS B 30 -6.94 -8.15 3.89
N PHE B 31 -6.64 -9.43 4.14
CA PHE B 31 -5.89 -10.22 3.17
C PHE B 31 -6.63 -10.30 1.83
N ARG B 32 -7.94 -10.53 1.88
CA ARG B 32 -8.72 -10.65 0.66
C ARG B 32 -8.69 -9.34 -0.12
N GLU B 33 -8.87 -8.21 0.58
CA GLU B 33 -8.92 -6.93 -0.10
C GLU B 33 -7.59 -6.60 -0.78
N ILE B 34 -6.48 -6.85 -0.09
CA ILE B 34 -5.16 -6.51 -0.64
C ILE B 34 -4.81 -7.42 -1.83
N THR B 35 -5.19 -8.69 -1.79
CA THR B 35 -4.73 -9.60 -2.85
C THR B 35 -5.72 -9.73 -4.00
N MET B 36 -7.00 -9.37 -3.80
CA MET B 36 -8.02 -9.63 -4.80
C MET B 36 -7.65 -9.02 -6.16
N GLY B 37 -7.83 -9.82 -7.21
CA GLY B 37 -7.55 -9.41 -8.56
C GLY B 37 -6.13 -9.64 -9.04
N HIS B 38 -5.20 -9.93 -8.13
CA HIS B 38 -3.78 -9.97 -8.45
C HIS B 38 -3.27 -11.39 -8.50
N THR B 39 -2.00 -11.52 -8.88
CA THR B 39 -1.32 -12.81 -8.80
C THR B 39 -0.95 -13.04 -7.34
N ILE B 40 -1.19 -14.26 -6.86
CA ILE B 40 -0.72 -14.67 -5.54
C ILE B 40 0.23 -15.85 -5.70
N VAL B 41 1.35 -15.79 -4.98
CA VAL B 41 2.39 -16.82 -5.02
C VAL B 41 2.48 -17.45 -3.64
N MET B 42 2.45 -18.78 -3.58
CA MET B 42 2.52 -19.48 -2.31
C MET B 42 3.38 -20.72 -2.44
N GLY B 43 3.98 -21.14 -1.32
CA GLY B 43 4.70 -22.40 -1.29
C GLY B 43 3.74 -23.58 -1.33
N ARG B 44 4.29 -24.73 -1.73
CA ARG B 44 3.46 -25.93 -1.88
C ARG B 44 2.78 -26.31 -0.57
N ARG B 45 3.46 -26.13 0.57
CA ARG B 45 2.83 -26.47 1.83
C ARG B 45 1.64 -25.56 2.12
N THR B 46 1.73 -24.29 1.73
CA THR B 46 0.62 -23.37 1.95
C THR B 46 -0.55 -23.71 1.04
N TRP B 47 -0.26 -24.08 -0.22
CA TRP B 47 -1.32 -24.60 -1.09
C TRP B 47 -2.00 -25.81 -0.44
N ASP B 48 -1.20 -26.74 0.08
CA ASP B 48 -1.78 -27.94 0.69
C ASP B 48 -2.62 -27.59 1.90
N SER B 49 -2.29 -26.48 2.59
CA SER B 49 -3.05 -26.05 3.76
C SER B 49 -4.45 -25.56 3.41
N LEU B 50 -4.71 -25.24 2.15
CA LEU B 50 -6.05 -24.84 1.75
C LEU B 50 -6.90 -26.09 1.51
N PRO B 51 -8.07 -26.20 2.13
CA PRO B 51 -8.97 -27.31 1.76
C PRO B 51 -9.30 -27.24 0.28
N ALA B 52 -9.52 -28.41 -0.33
CA ALA B 52 -9.71 -28.44 -1.78
C ALA B 52 -10.85 -27.57 -2.24
N LYS B 53 -11.88 -27.39 -1.41
CA LYS B 53 -13.06 -26.68 -1.84
C LYS B 53 -12.92 -25.15 -1.74
N VAL B 54 -11.80 -24.65 -1.20
CA VAL B 54 -11.52 -23.21 -1.15
C VAL B 54 -10.39 -22.81 -2.10
N ARG B 55 -9.67 -23.78 -2.66
CA ARG B 55 -8.57 -23.45 -3.53
C ARG B 55 -8.92 -23.83 -4.97
N PRO B 56 -8.51 -23.02 -5.97
CA PRO B 56 -7.68 -21.82 -5.84
C PRO B 56 -8.47 -20.66 -5.21
N LEU B 57 -7.78 -19.71 -4.60
CA LEU B 57 -8.46 -18.58 -4.00
C LEU B 57 -9.13 -17.77 -5.10
N PRO B 58 -10.40 -17.41 -4.93
CA PRO B 58 -11.15 -16.81 -6.04
C PRO B 58 -10.66 -15.44 -6.44
N GLY B 59 -10.76 -15.17 -7.74
CA GLY B 59 -10.48 -13.85 -8.24
C GLY B 59 -9.02 -13.50 -8.33
N ARG B 60 -8.14 -14.49 -8.18
CA ARG B 60 -6.70 -14.26 -8.13
C ARG B 60 -6.02 -15.33 -8.97
N ARG B 61 -4.92 -14.95 -9.62
CA ARG B 61 -4.09 -15.90 -10.35
C ARG B 61 -3.21 -16.65 -9.36
N ASN B 62 -3.53 -17.91 -9.08
CA ASN B 62 -2.82 -18.69 -8.06
C ASN B 62 -1.58 -19.35 -8.66
N VAL B 63 -0.42 -19.11 -8.05
CA VAL B 63 0.85 -19.71 -8.44
C VAL B 63 1.45 -20.43 -7.24
N VAL B 64 1.94 -21.65 -7.43
CA VAL B 64 2.47 -22.50 -6.37
C VAL B 64 3.93 -22.85 -6.68
N LEU B 65 4.80 -22.66 -5.70
CA LEU B 65 6.22 -22.99 -5.80
C LEU B 65 6.50 -24.37 -5.21
N SER B 66 7.15 -25.23 -5.99
CA SER B 66 7.51 -26.59 -5.57
C SER B 66 8.80 -27.02 -6.25
N ARG B 67 9.59 -27.85 -5.55
CA ARG B 67 10.75 -28.47 -6.17
C ARG B 67 10.37 -29.70 -7.00
N GLN B 68 9.15 -30.19 -6.85
CA GLN B 68 8.67 -31.34 -7.60
C GLN B 68 8.32 -30.90 -9.01
N ALA B 69 9.09 -31.37 -10.00
CA ALA B 69 8.88 -30.89 -11.37
C ALA B 69 7.51 -31.27 -11.90
N ASP B 70 6.94 -32.37 -11.41
CA ASP B 70 5.67 -32.89 -11.88
C ASP B 70 4.54 -32.63 -10.90
N PHE B 71 4.72 -31.72 -9.94
CA PHE B 71 3.68 -31.46 -8.96
C PHE B 71 2.45 -30.84 -9.64
N MET B 72 1.28 -31.35 -9.28
CA MET B 72 0.01 -30.96 -9.88
C MET B 72 -0.81 -30.14 -8.87
N ALA B 73 -1.18 -28.92 -9.25
CA ALA B 73 -2.03 -28.08 -8.41
C ALA B 73 -3.26 -27.69 -9.23
N SER B 74 -4.36 -28.39 -9.04
CA SER B 74 -5.53 -28.14 -9.86
C SER B 74 -6.06 -26.74 -9.58
N GLY B 75 -6.07 -25.90 -10.62
CA GLY B 75 -6.45 -24.53 -10.47
C GLY B 75 -5.31 -23.56 -10.24
N ALA B 76 -4.07 -24.03 -10.18
CA ALA B 76 -2.94 -23.13 -10.01
C ALA B 76 -1.83 -23.46 -11.01
N GLU B 77 -0.95 -22.49 -11.21
CA GLU B 77 0.29 -22.70 -11.95
C GLU B 77 1.38 -23.12 -10.98
N VAL B 78 2.16 -24.12 -11.37
CA VAL B 78 3.26 -24.63 -10.56
C VAL B 78 4.57 -24.21 -11.20
N VAL B 79 5.45 -23.60 -10.41
CA VAL B 79 6.76 -23.18 -10.89
C VAL B 79 7.83 -23.75 -9.96
N GLY B 80 9.05 -23.85 -10.48
CA GLY B 80 10.14 -24.46 -9.75
C GLY B 80 11.12 -23.46 -9.13
N SER B 81 10.93 -22.19 -9.41
CA SER B 81 11.72 -21.15 -8.75
C SER B 81 10.84 -19.95 -8.49
N LEU B 82 11.16 -19.23 -7.41
CA LEU B 82 10.34 -18.07 -7.06
C LEU B 82 10.40 -17.02 -8.16
N GLU B 83 11.55 -16.88 -8.81
CA GLU B 83 11.69 -15.89 -9.88
C GLU B 83 10.66 -16.12 -10.99
N GLU B 84 10.42 -17.39 -11.34
CA GLU B 84 9.46 -17.71 -12.39
C GLU B 84 8.05 -17.26 -12.05
N ALA B 85 7.73 -17.11 -10.78
CA ALA B 85 6.37 -16.81 -10.38
C ALA B 85 6.06 -15.32 -10.39
N LEU B 86 7.09 -14.47 -10.48
CA LEU B 86 6.96 -13.05 -10.18
C LEU B 86 6.70 -12.17 -11.37
N THR B 87 6.39 -12.73 -12.54
CA THR B 87 6.42 -11.90 -13.74
C THR B 87 5.24 -10.94 -13.86
N SER B 88 4.23 -11.03 -12.95
CA SER B 88 3.03 -10.20 -13.13
C SER B 88 3.19 -8.81 -12.51
N PRO B 89 2.43 -7.83 -13.03
CA PRO B 89 2.61 -6.43 -12.57
C PRO B 89 2.38 -6.18 -11.09
N GLU B 90 1.36 -6.77 -10.47
CA GLU B 90 1.21 -6.70 -9.02
C GLU B 90 1.08 -8.13 -8.53
N THR B 91 2.06 -8.56 -7.74
CA THR B 91 2.14 -9.92 -7.23
C THR B 91 2.24 -9.83 -5.72
N TRP B 92 1.43 -10.63 -5.03
CA TRP B 92 1.49 -10.76 -3.58
C TRP B 92 1.98 -12.16 -3.23
N VAL B 93 3.07 -12.23 -2.47
CA VAL B 93 3.56 -13.49 -1.93
C VAL B 93 2.84 -13.73 -0.62
N ILE B 94 2.10 -14.85 -0.53
CA ILE B 94 1.16 -15.04 0.56
C ILE B 94 1.60 -16.13 1.52
N GLY B 95 2.84 -16.62 1.40
CA GLY B 95 3.43 -17.52 2.37
C GLY B 95 3.84 -18.83 1.73
N GLY B 96 4.39 -19.73 2.54
CA GLY B 96 4.61 -19.53 3.96
C GLY B 96 6.03 -19.10 4.30
N GLY B 97 6.54 -19.62 5.41
CA GLY B 97 7.81 -19.13 5.93
C GLY B 97 8.97 -19.26 4.97
N GLN B 98 9.10 -20.44 4.34
CA GLN B 98 10.20 -20.64 3.41
C GLN B 98 10.09 -19.68 2.23
N VAL B 99 8.88 -19.50 1.71
CA VAL B 99 8.72 -18.68 0.51
C VAL B 99 8.93 -17.20 0.81
N TYR B 100 8.50 -16.73 2.00
CA TYR B 100 8.81 -15.35 2.39
C TYR B 100 10.31 -15.10 2.37
N ALA B 101 11.09 -16.04 2.91
CA ALA B 101 12.53 -15.86 2.94
C ALA B 101 13.11 -15.76 1.54
N LEU B 102 12.56 -16.56 0.60
CA LEU B 102 13.03 -16.51 -0.78
C LEU B 102 12.61 -15.23 -1.49
N ALA B 103 11.44 -14.70 -1.15
CA ALA B 103 10.88 -13.56 -1.86
C ALA B 103 11.32 -12.21 -1.35
N LEU B 104 11.74 -12.11 -0.08
CA LEU B 104 12.05 -10.81 0.49
C LEU B 104 13.01 -9.99 -0.36
N PRO B 105 14.09 -10.55 -0.92
CA PRO B 105 15.01 -9.72 -1.74
C PRO B 105 14.37 -9.06 -2.94
N TYR B 106 13.23 -9.55 -3.40
CA TYR B 106 12.54 -9.00 -4.56
C TYR B 106 11.40 -8.07 -4.19
N ALA B 107 11.14 -7.87 -2.91
CA ALA B 107 9.93 -7.20 -2.45
C ALA B 107 10.16 -5.71 -2.19
N THR B 108 9.13 -4.93 -2.48
CA THR B 108 9.12 -3.51 -2.15
CA THR B 108 9.12 -3.51 -2.16
C THR B 108 8.17 -3.15 -1.03
N ARG B 109 7.19 -4.01 -0.73
CA ARG B 109 6.18 -3.77 0.29
C ARG B 109 5.95 -5.03 1.12
N CYS B 110 5.69 -4.84 2.42
CA CYS B 110 5.19 -5.91 3.29
C CYS B 110 3.97 -5.38 4.00
N GLU B 111 2.87 -6.12 3.94
CA GLU B 111 1.65 -5.81 4.68
C GLU B 111 1.51 -6.83 5.79
N VAL B 112 1.71 -6.39 7.03
CA VAL B 112 1.87 -7.25 8.19
C VAL B 112 0.74 -7.03 9.17
N THR B 113 0.11 -8.12 9.59
CA THR B 113 -0.81 -8.11 10.73
C THR B 113 -0.09 -8.71 11.92
N GLU B 114 -0.04 -7.98 13.02
CA GLU B 114 0.52 -8.47 14.27
C GLU B 114 -0.62 -8.85 15.20
N VAL B 115 -0.61 -10.10 15.67
CA VAL B 115 -1.67 -10.62 16.53
C VAL B 115 -1.11 -10.70 17.95
N ASP B 116 -1.77 -10.00 18.88
CA ASP B 116 -1.30 -9.90 20.26
C ASP B 116 -1.73 -11.12 21.07
N ILE B 117 -1.10 -12.25 20.76
CA ILE B 117 -1.21 -13.47 21.56
C ILE B 117 0.20 -13.88 21.89
N GLY B 118 0.44 -14.21 23.15
CA GLY B 118 1.76 -14.62 23.53
C GLY B 118 1.96 -16.07 23.16
N LEU B 119 2.39 -16.28 21.90
CA LEU B 119 2.52 -17.60 21.29
C LEU B 119 4.01 -17.88 21.12
N PRO B 120 4.63 -18.65 22.00
CA PRO B 120 6.07 -18.91 21.90
C PRO B 120 6.45 -19.63 20.62
N ARG B 121 7.68 -19.35 20.16
CA ARG B 121 8.22 -20.04 19.00
C ARG B 121 8.60 -21.47 19.38
N GLU B 122 8.12 -22.43 18.59
CA GLU B 122 8.40 -23.84 18.83
C GLU B 122 9.18 -24.38 17.64
N ALA B 123 10.02 -25.39 17.89
CA ALA B 123 10.74 -26.02 16.80
C ALA B 123 9.76 -26.48 15.73
N GLY B 124 10.10 -26.22 14.47
CA GLY B 124 9.25 -26.57 13.37
C GLY B 124 8.24 -25.52 12.96
N ASP B 125 8.06 -24.47 13.76
CA ASP B 125 7.14 -23.41 13.40
C ASP B 125 7.60 -22.71 12.13
N ALA B 126 6.63 -22.25 11.35
CA ALA B 126 6.91 -21.29 10.29
C ALA B 126 6.96 -19.89 10.90
N LEU B 127 7.95 -19.10 10.46
CA LEU B 127 8.18 -17.77 10.99
C LEU B 127 8.08 -16.72 9.89
N ALA B 128 7.69 -15.52 10.32
CA ALA B 128 7.76 -14.34 9.49
C ALA B 128 9.21 -13.93 9.27
N PRO B 129 9.52 -13.30 8.14
CA PRO B 129 10.86 -12.71 8.01
C PRO B 129 10.98 -11.52 8.95
N VAL B 130 12.20 -11.30 9.45
CA VAL B 130 12.44 -10.12 10.28
C VAL B 130 12.84 -8.99 9.35
N LEU B 131 12.20 -7.84 9.49
CA LEU B 131 12.44 -6.71 8.61
C LEU B 131 13.48 -5.79 9.24
N ASP B 132 14.54 -5.51 8.48
CA ASP B 132 15.66 -4.74 8.99
C ASP B 132 15.32 -3.25 8.97
N GLU B 133 16.32 -2.39 9.15
CA GLU B 133 16.07 -0.96 9.22
C GLU B 133 15.74 -0.37 7.86
N THR B 134 16.11 -1.05 6.76
CA THR B 134 15.81 -0.52 5.44
C THR B 134 14.32 -0.56 5.13
N TRP B 135 13.54 -1.28 5.93
CA TRP B 135 12.09 -1.30 5.78
C TRP B 135 11.52 -0.23 6.70
N ARG B 136 10.77 0.71 6.13
CA ARG B 136 10.11 1.73 6.94
C ARG B 136 8.62 1.46 6.99
N GLY B 137 8.09 1.40 8.21
CA GLY B 137 6.70 1.05 8.43
C GLY B 137 5.93 2.12 9.17
N GLU B 138 4.63 2.17 8.89
CA GLU B 138 3.68 2.87 9.74
C GLU B 138 3.00 1.84 10.63
N THR B 139 3.02 2.09 11.92
CA THR B 139 2.29 1.25 12.85
C THR B 139 0.87 1.77 12.99
N GLY B 140 -0.10 0.88 12.88
CA GLY B 140 -1.48 1.26 13.13
C GLY B 140 -1.84 1.10 14.59
N GLU B 141 -3.04 1.58 14.92
CA GLU B 141 -3.52 1.45 16.29
C GLU B 141 -3.97 0.03 16.56
N TRP B 142 -3.85 -0.39 17.83
CA TRP B 142 -4.38 -1.67 18.27
C TRP B 142 -5.90 -1.71 18.13
N ARG B 143 -6.41 -2.86 17.67
CA ARG B 143 -7.84 -3.10 17.58
C ARG B 143 -8.16 -4.40 18.28
N PHE B 144 -9.39 -4.52 18.76
CA PHE B 144 -9.89 -5.79 19.26
C PHE B 144 -10.77 -6.39 18.18
N SER B 145 -10.51 -7.66 17.88
CA SER B 145 -11.26 -8.41 16.89
C SER B 145 -12.54 -8.99 17.47
N ARG B 146 -13.50 -9.27 16.58
CA ARG B 146 -14.67 -10.06 16.95
C ARG B 146 -14.31 -11.41 17.53
N SER B 147 -13.08 -11.89 17.30
CA SER B 147 -12.64 -13.16 17.87
C SER B 147 -12.10 -13.04 19.29
N GLY B 148 -11.86 -11.83 19.77
CA GLY B 148 -11.36 -11.60 21.11
C GLY B 148 -9.90 -11.21 21.17
N LEU B 149 -9.17 -11.40 20.09
CA LEU B 149 -7.75 -11.09 20.07
C LEU B 149 -7.51 -9.64 19.69
N ARG B 150 -6.49 -9.05 20.30
CA ARG B 150 -6.02 -7.74 19.88
C ARG B 150 -5.06 -7.88 18.71
N TYR B 151 -5.09 -6.91 17.79
CA TYR B 151 -4.24 -6.95 16.60
C TYR B 151 -3.97 -5.55 16.09
N ARG B 152 -2.94 -5.42 15.26
CA ARG B 152 -2.68 -4.17 14.56
C ARG B 152 -2.01 -4.44 13.21
N LEU B 153 -2.12 -3.47 12.32
CA LEU B 153 -1.64 -3.58 10.95
C LEU B 153 -0.43 -2.67 10.74
N TYR B 154 0.60 -3.21 10.06
CA TYR B 154 1.74 -2.46 9.58
C TYR B 154 1.79 -2.45 8.06
N SER B 155 2.20 -1.33 7.48
CA SER B 155 2.49 -1.28 6.06
C SER B 155 3.95 -0.85 5.89
N TYR B 156 4.79 -1.79 5.50
CA TYR B 156 6.22 -1.54 5.31
C TYR B 156 6.53 -1.29 3.84
N HIS B 157 7.53 -0.45 3.60
CA HIS B 157 7.91 -0.09 2.24
C HIS B 157 9.41 0.16 2.18
N ARG B 158 10.00 -0.02 1.00
CA ARG B 158 11.33 0.51 0.72
C ARG B 158 11.49 0.88 -0.76
N SER B 159 12.36 1.86 -1.00
CA SER B 159 12.74 2.30 -2.34
C SER B 159 14.00 1.60 -2.85
CO CO C . 7.64 2.54 -3.66
PA NDP D . -4.99 20.88 -9.88
O1A NDP D . -3.61 20.81 -9.32
O2A NDP D . -5.95 19.74 -9.74
O5B NDP D . -4.71 21.29 -11.45
C5B NDP D . -5.90 21.74 -12.10
C4B NDP D . -5.51 21.79 -13.59
O4B NDP D . -5.42 20.45 -14.09
C3B NDP D . -6.53 22.53 -14.50
O3B NDP D . -6.33 23.92 -14.45
C2B NDP D . -6.08 21.97 -15.88
O2B NDP D . -4.90 22.42 -16.31
C1B NDP D . -5.82 20.47 -15.49
N9A NDP D . -7.03 19.71 -15.61
C8A NDP D . -8.11 19.62 -14.75
N7A NDP D . -9.09 18.82 -15.22
C5A NDP D . -8.61 18.38 -16.46
C6A NDP D . -9.14 17.54 -17.45
N6A NDP D . -10.39 16.95 -17.28
N1A NDP D . -8.44 17.27 -18.59
C2A NDP D . -7.22 17.87 -18.69
N3A NDP D . -6.57 18.69 -17.83
C4A NDP D . -7.32 18.94 -16.72
O3 NDP D . -5.61 22.35 -9.32
PN NDP D . -6.42 22.46 -7.92
O1N NDP D . -6.60 23.93 -7.83
O2N NDP D . -7.61 21.55 -7.76
O5D NDP D . -5.34 21.97 -6.66
C5D NDP D . -4.30 22.88 -6.50
C4D NDP D . -4.24 23.21 -5.01
O4D NDP D . -4.03 21.99 -4.28
C3D NDP D . -3.05 24.12 -4.69
O3D NDP D . -3.47 24.92 -3.61
C2D NDP D . -1.98 23.13 -4.23
O2D NDP D . -1.05 23.72 -3.33
C1D NDP D . -2.87 22.14 -3.45
N1N NDP D . -2.24 20.80 -3.30
C2N NDP D . -2.22 20.23 -2.04
C3N NDP D . -1.89 18.92 -1.87
C7N NDP D . -1.87 18.32 -0.55
O7N NDP D . -1.59 17.14 -0.36
N7N NDP D . -2.14 19.10 0.57
C4N NDP D . -1.53 18.07 -3.03
C5N NDP D . -1.36 18.84 -4.30
C6N NDP D . -1.70 20.13 -4.40
P2B NDP D . -4.94 23.77 -17.47
O1X NDP D . -3.48 23.94 -17.71
O2X NDP D . -5.63 24.90 -16.69
O3X NDP D . -5.74 23.11 -18.56
N1 CP6 E . 0.78 14.45 -0.24
C2 CP6 E . 1.21 14.67 0.99
C3 CP6 E . 1.08 15.30 -1.21
C4 CP6 E . 1.85 16.43 -0.95
C5 CP6 E . 2.27 16.61 0.36
N6 CP6 E . 1.92 15.73 1.28
C7 CP6 E . 2.21 17.33 -1.98
C8 CP6 E . 3.25 16.96 -2.82
C9 CP6 E . 3.67 17.78 -3.87
C10 CP6 E . 3.02 18.99 -4.06
C11 CP6 E . 1.99 19.38 -3.23
C12 CP6 E . 1.59 18.55 -2.18
N13 CP6 E . 0.59 15.03 -2.52
N14 CP6 E . 0.88 13.75 2.04
C15 CP6 E . 3.12 17.78 0.83
C16 CP6 E . 4.48 17.22 1.27
CL1 CP6 E . 3.56 20.05 -5.38
O1 MES F . 5.74 20.89 -1.65
C2 MES F . 7.05 21.39 -1.87
C3 MES F . 8.17 20.51 -1.31
N4 MES F . 8.00 19.15 -1.84
C5 MES F . 6.69 18.74 -2.31
C6 MES F . 5.72 19.47 -1.38
C7 MES F . 9.20 18.35 -2.10
C8 MES F . 8.75 16.94 -2.45
S MES F . 9.96 15.79 -2.44
O1S MES F . 9.29 14.47 -2.50
O2S MES F . 10.83 15.94 -3.64
O3S MES F . 10.78 15.85 -1.20
S SO4 G . -14.26 -6.79 8.49
O1 SO4 G . -14.17 -8.25 8.63
O2 SO4 G . -14.68 -6.45 7.13
O3 SO4 G . -15.24 -6.29 9.45
O4 SO4 G . -12.96 -6.19 8.78
S SO4 H . 10.09 30.18 -9.36
O1 SO4 H . 9.77 29.12 -10.31
O2 SO4 H . 9.08 31.23 -9.47
O3 SO4 H . 10.08 29.65 -7.99
O4 SO4 H . 11.40 30.72 -9.65
S SO4 I . -4.89 29.59 -13.31
O1 SO4 I . -5.85 28.52 -13.62
O2 SO4 I . -4.20 30.01 -14.53
O3 SO4 I . -3.93 29.11 -12.33
O4 SO4 I . -5.62 30.73 -12.76
CO CO J . -5.11 -4.36 -5.28
PA NDP K . 5.81 -22.98 2.48
O1A NDP K . 6.89 -21.95 2.47
O2A NDP K . 4.37 -22.60 2.29
O5B NDP K . 6.08 -24.06 1.27
C5B NDP K . 7.31 -24.75 1.49
C4B NDP K . 7.51 -25.55 0.16
O4B NDP K . 7.82 -24.65 -0.89
C3B NDP K . 8.65 -26.60 0.16
O3B NDP K . 8.25 -27.77 0.78
C2B NDP K . 8.79 -26.81 -1.36
O2B NDP K . 7.76 -27.42 -1.92
C1B NDP K . 8.68 -25.32 -1.83
N9A NDP K . 9.98 -24.69 -1.81
C8A NDP K . 10.74 -24.24 -0.71
N7A NDP K . 11.94 -23.74 -1.05
C5A NDP K . 11.96 -23.87 -2.46
C6A NDP K . 12.93 -23.51 -3.43
N6A NDP K . 14.12 -22.94 -3.05
N1A NDP K . 12.71 -23.74 -4.75
C2A NDP K . 11.49 -24.32 -5.06
N3A NDP K . 10.49 -24.71 -4.26
C4A NDP K . 10.76 -24.46 -2.94
O3 NDP K . 5.99 -23.98 3.82
PN NDP K . 6.20 -23.38 5.33
O1N NDP K . 6.07 -24.60 6.15
O2N NDP K . 7.37 -22.43 5.47
O5D NDP K . 4.82 -22.41 5.70
C5D NDP K . 3.64 -23.17 5.80
C4D NDP K . 3.01 -22.79 7.14
O4D NDP K . 2.79 -21.36 7.19
C3D NDP K . 1.63 -23.46 7.36
O3D NDP K . 1.48 -23.66 8.76
C2D NDP K . 0.69 -22.37 6.92
O2D NDP K . -0.56 -22.50 7.57
C1D NDP K . 1.42 -21.13 7.49
N1N NDP K . 1.03 -19.87 6.79
C2N NDP K . 0.65 -18.77 7.54
C3N NDP K . 0.57 -17.54 6.96
C7N NDP K . 0.21 -16.40 7.77
O7N NDP K . 0.15 -15.28 7.26
N7N NDP K . -0.06 -16.57 9.12
C4N NDP K . 0.85 -17.31 5.54
C5N NDP K . 1.00 -18.57 4.76
C6N NDP K . 1.07 -19.77 5.36
P2B NDP K . 7.99 -29.17 -2.24
O1X NDP K . 8.02 -29.71 -0.84
O2X NDP K . 6.72 -29.43 -3.06
O3X NDP K . 9.29 -29.17 -3.00
N1 CP6 L . -1.70 -12.86 5.22
C2 CP6 L . -2.55 -12.49 6.15
C3 CP6 L . -1.78 -14.08 4.71
C4 CP6 L . -2.75 -14.99 5.14
C5 CP6 L . -3.63 -14.53 6.12
N6 CP6 L . -3.48 -13.30 6.59
C7 CP6 L . -2.87 -16.28 4.59
C8 CP6 L . -2.40 -17.44 5.21
C9 CP6 L . -2.55 -18.69 4.60
C10 CP6 L . -3.20 -18.78 3.38
C11 CP6 L . -3.68 -17.64 2.77
C12 CP6 L . -3.51 -16.41 3.37
N13 CP6 L . -0.83 -14.46 3.70
N14 CP6 L . -2.49 -11.15 6.69
C15 CP6 L . -4.74 -15.38 6.70
C16 CP6 L . -6.10 -14.85 6.26
CL1 CP6 L . -3.42 -20.37 2.59
O1 MES M . -7.75 -19.94 4.82
C2 MES M . -6.60 -19.13 4.55
C3 MES M . -6.95 -17.68 4.18
N4 MES M . -8.10 -17.63 3.30
C5 MES M . -9.25 -18.45 3.64
C6 MES M . -8.70 -19.87 3.76
C7 MES M . -8.38 -16.31 2.70
C8 MES M . -9.60 -16.51 1.81
S MES M . -10.05 -15.18 0.91
O1S MES M . -10.65 -15.73 -0.34
O2S MES M . -11.13 -14.43 1.57
O3S MES M . -8.94 -14.30 0.57
S SO4 N . 5.39 -32.13 3.76
O1 SO4 N . 4.74 -32.69 2.58
O2 SO4 N . 5.46 -33.17 4.79
O3 SO4 N . 4.63 -30.99 4.26
O4 SO4 N . 6.75 -31.70 3.43
#